data_1PPG
#
_entry.id   1PPG
#
_cell.length_a   74.200
_cell.length_b   74.200
_cell.length_c   70.600
_cell.angle_alpha   90.00
_cell.angle_beta   90.00
_cell.angle_gamma   120.00
#
_symmetry.space_group_name_H-M   'P 63'
#
loop_
_entity.id
_entity.type
_entity.pdbx_description
1 polymer 'HUMAN LEUKOCYTE ELASTASE'
2 polymer 'MEO-SUCCINYL-ALA-ALA-PRO-VAL CHLOROMETHYLKETONE'
3 branched beta-D-galactopyranose-(1-4)-2-acetamido-2-deoxy-beta-D-glucopyranose-(1-2)-alpha-D-mannopyranose-(1-6)-[alpha-D-mannopyranose-(1-3)]beta-D-mannopyranose-(1-4)-2-acetamido-2-deoxy-beta-D-glucopyranose-(1-4)-[alpha-L-fucopyranose-(1-6)]2-acetamido-2-deoxy-beta-D-glucopyranose
4 branched alpha-D-glucopyranose-(1-4)-2-acetamido-2-deoxy-alpha-D-glucopyranose-(1-2)-beta-D-mannopyranose-(1-6)-[alpha-D-mannopyranose-(1-3)]beta-D-mannopyranose-(1-4)-2-acetamido-2-deoxy-beta-D-glucopyranose-(1-4)-[alpha-L-fucopyranose-(1-6)]2-acetamido-2-deoxy-beta-D-glucopyranose
5 water water
#
loop_
_entity_poly.entity_id
_entity_poly.type
_entity_poly.pdbx_seq_one_letter_code
_entity_poly.pdbx_strand_id
1 'polypeptide(L)'
;IVGGRRARPHAWPFMVSLQLRGGHFCGATLIAPNFVMSAAHCVANVNVRAVRVVLGAHNLSRREPTRQVFAVQRIFENGY
DPVNLLNDIVILQLNGSATINANVQVAQLPAQGRRLGNGVQCLAMGWGLLGRNRGIASVLQELNVTVVTSLCRRSNVCTL
VRGRQAGVCFGDSGSPLVCNGLIHGIASFVRGGCASGLYPDAFAPVAQFVNWIDSIIQ
;
E
2 'polypeptide(L)' (HMB)AAP(VAI)(0QE) I
#
loop_
_chem_comp.id
_chem_comp.type
_chem_comp.name
_chem_comp.formula
0QE non-polymer chloromethane 'C H3 Cl'
BMA D-saccharide, beta linking beta-D-mannopyranose 'C6 H12 O6'
FUC L-saccharide, alpha linking alpha-L-fucopyranose 'C6 H12 O5'
GAL D-saccharide, beta linking beta-D-galactopyranose 'C6 H12 O6'
GLC D-saccharide, alpha linking alpha-D-glucopyranose 'C6 H12 O6'
HMB non-polymer '(4S)-4-hydroxy-4-methoxybutanoic acid' 'C5 H10 O4'
MAN D-saccharide, alpha linking alpha-D-mannopyranose 'C6 H12 O6'
NAG D-saccharide, beta linking 2-acetamido-2-deoxy-beta-D-glucopyranose 'C8 H15 N O6'
NDG D-saccharide, alpha linking 2-acetamido-2-deoxy-alpha-D-glucopyranose 'C8 H15 N O6'
VAI peptide-like (2S)-2-amino-3-methylbutane-1,1-diol 'C5 H13 N O2'
#
# COMPACT_ATOMS: atom_id res chain seq x y z
N ILE A 1 -0.25 -4.10 9.97
CA ILE A 1 1.10 -4.62 10.15
C ILE A 1 1.10 -5.30 11.50
N VAL A 2 1.33 -6.56 11.48
CA VAL A 2 1.65 -7.39 12.68
C VAL A 2 3.16 -7.29 13.03
N GLY A 3 3.55 -6.91 14.26
CA GLY A 3 4.91 -7.06 14.75
C GLY A 3 5.94 -6.14 14.11
N GLY A 4 5.50 -4.99 13.54
CA GLY A 4 6.23 -3.88 12.98
C GLY A 4 6.38 -2.82 14.10
N ARG A 5 6.87 -1.67 13.85
CA ARG A 5 7.04 -0.64 14.91
C ARG A 5 6.45 0.66 14.37
N ARG A 6 6.19 1.52 15.29
CA ARG A 6 5.73 2.85 14.99
C ARG A 6 6.66 3.68 14.11
N ALA A 7 6.18 4.06 12.91
CA ALA A 7 7.04 4.89 12.10
C ALA A 7 7.22 6.29 12.80
N ARG A 8 8.24 7.06 12.31
CA ARG A 8 8.52 8.43 12.83
C ARG A 8 7.58 9.32 12.05
N PRO A 9 6.95 10.26 12.73
CA PRO A 9 5.92 11.11 12.08
C PRO A 9 6.45 11.57 10.73
N HIS A 10 5.64 11.35 9.73
CA HIS A 10 5.91 11.92 8.41
C HIS A 10 7.30 11.55 7.88
N ALA A 11 7.83 10.49 8.38
CA ALA A 11 9.01 9.78 7.97
C ALA A 11 8.63 9.16 6.64
N TRP A 12 7.38 8.99 6.27
CA TRP A 12 7.13 8.56 4.87
C TRP A 12 6.02 9.36 4.30
N PRO A 13 6.30 10.51 3.70
CA PRO A 13 5.22 11.43 3.36
C PRO A 13 4.56 11.22 2.02
N PHE A 14 4.65 10.05 1.50
CA PHE A 14 3.91 9.59 0.29
C PHE A 14 2.85 8.59 0.69
N MET A 15 2.76 8.39 2.03
CA MET A 15 1.85 7.35 2.53
C MET A 15 0.39 7.87 2.60
N VAL A 16 -0.57 7.26 1.89
CA VAL A 16 -1.95 7.76 1.98
C VAL A 16 -2.88 6.78 2.77
N SER A 17 -3.98 7.25 3.30
CA SER A 17 -4.97 6.52 4.03
C SER A 17 -6.32 6.69 3.35
N LEU A 18 -6.90 5.65 2.74
CA LEU A 18 -8.20 5.73 2.11
C LEU A 18 -9.22 5.42 3.18
N GLN A 19 -10.24 6.30 3.25
CA GLN A 19 -11.19 6.27 4.38
C GLN A 19 -12.61 6.47 3.90
N LEU A 20 -13.53 5.74 4.61
CA LEU A 20 -15.04 5.85 4.49
C LEU A 20 -15.62 6.31 5.84
N ARG A 21 -16.77 6.89 5.80
CA ARG A 21 -17.45 7.51 6.95
C ARG A 21 -16.91 7.11 8.31
N GLY A 22 -16.73 5.82 8.57
CA GLY A 22 -16.17 5.31 9.83
C GLY A 22 -14.64 5.32 9.95
N GLY A 23 -13.90 4.97 8.90
CA GLY A 23 -12.43 5.05 9.00
C GLY A 23 -11.64 4.38 7.90
N HIS A 24 -10.37 4.12 8.21
CA HIS A 24 -9.36 3.65 7.21
C HIS A 24 -9.72 2.29 6.71
N PHE A 25 -9.72 2.06 5.44
CA PHE A 25 -9.97 0.69 5.01
C PHE A 25 -8.80 0.07 4.20
N CYS A 26 -7.97 0.95 3.66
CA CYS A 26 -6.76 0.64 2.88
C CYS A 26 -5.93 1.93 2.80
N GLY A 27 -4.68 1.67 2.40
CA GLY A 27 -3.56 2.60 2.25
C GLY A 27 -3.37 2.88 0.75
N ALA A 28 -2.56 3.88 0.43
CA ALA A 28 -2.26 4.23 -0.96
C ALA A 28 -0.94 4.95 -0.97
N THR A 29 -0.55 5.26 -2.18
CA THR A 29 0.66 6.08 -2.48
C THR A 29 0.39 7.35 -3.33
N LEU A 30 0.93 8.41 -2.85
CA LEU A 30 1.05 9.70 -3.59
C LEU A 30 2.16 9.67 -4.68
N ILE A 31 1.65 9.49 -5.88
CA ILE A 31 2.51 9.24 -7.05
C ILE A 31 2.67 10.51 -7.95
N ALA A 32 1.87 11.49 -7.64
CA ALA A 32 1.76 12.73 -8.36
C ALA A 32 0.98 13.61 -7.40
N PRO A 33 0.93 14.90 -7.60
CA PRO A 33 0.20 15.73 -6.66
C PRO A 33 -1.33 15.55 -6.72
N ASN A 34 -1.81 14.85 -7.74
CA ASN A 34 -3.28 14.75 -7.91
C ASN A 34 -3.67 13.34 -8.28
N PHE A 35 -2.77 12.47 -7.99
CA PHE A 35 -3.01 11.08 -8.23
C PHE A 35 -2.48 10.24 -7.09
N VAL A 36 -3.13 9.11 -6.80
CA VAL A 36 -2.80 8.04 -5.85
C VAL A 36 -3.09 6.69 -6.46
N MET A 37 -2.26 5.78 -5.99
CA MET A 37 -2.01 4.42 -6.53
C MET A 37 -2.36 3.53 -5.35
N SER A 38 -3.28 2.58 -5.53
CA SER A 38 -3.64 1.65 -4.47
C SER A 38 -3.95 0.32 -5.12
N ALA A 39 -4.60 -0.53 -4.37
CA ALA A 39 -4.85 -1.94 -4.68
C ALA A 39 -6.25 -2.02 -5.21
N ALA A 40 -6.45 -2.63 -6.36
CA ALA A 40 -7.74 -2.52 -7.02
C ALA A 40 -8.88 -3.01 -6.14
N HIS A 41 -8.51 -4.03 -5.39
CA HIS A 41 -9.47 -4.75 -4.64
C HIS A 41 -10.05 -3.80 -3.58
N CYS A 42 -9.24 -2.79 -3.21
CA CYS A 42 -9.70 -1.85 -2.21
C CYS A 42 -10.88 -1.02 -2.70
N VAL A 43 -11.07 -0.85 -3.98
CA VAL A 43 -12.17 -0.02 -4.38
C VAL A 43 -13.13 -0.76 -5.27
N ALA A 44 -12.86 -1.99 -5.42
CA ALA A 44 -13.80 -2.80 -6.20
C ALA A 44 -14.95 -3.19 -5.29
N ASN A 45 -16.07 -2.66 -5.53
CA ASN A 45 -17.16 -2.68 -4.47
C ASN A 45 -17.21 -1.65 -3.35
N VAL A 46 -16.52 -0.59 -3.57
CA VAL A 46 -16.83 0.59 -2.77
C VAL A 46 -17.51 1.76 -3.50
N ASN A 47 -18.32 2.54 -2.75
CA ASN A 47 -18.84 3.79 -3.34
C ASN A 47 -17.74 4.85 -3.39
N VAL A 48 -16.97 4.84 -4.49
CA VAL A 48 -15.78 5.73 -4.60
C VAL A 48 -16.10 7.23 -4.50
N ARG A 49 -17.36 7.58 -4.58
CA ARG A 49 -17.88 8.92 -4.37
C ARG A 49 -18.06 9.18 -2.90
N ALA A 50 -17.73 8.20 -2.10
CA ALA A 50 -17.66 8.40 -0.61
C ALA A 50 -16.24 8.36 -0.12
N VAL A 51 -15.37 7.92 -0.91
CA VAL A 51 -14.06 7.65 -0.33
C VAL A 51 -13.36 9.00 -0.12
N ARG A 52 -12.62 9.03 1.01
CA ARG A 52 -11.70 10.08 1.35
C ARG A 52 -10.24 9.61 1.31
N VAL A 53 -9.38 10.48 0.79
CA VAL A 53 -7.94 10.23 0.61
C VAL A 53 -7.19 11.19 1.49
N VAL A 54 -6.65 10.73 2.54
CA VAL A 54 -6.15 11.64 3.57
C VAL A 54 -4.67 11.72 3.37
N LEU A 55 -4.07 12.90 3.02
CA LEU A 55 -2.56 12.97 2.89
C LEU A 55 -1.94 13.59 4.14
N GLY A 56 -0.72 13.27 4.38
CA GLY A 56 -0.13 13.91 5.59
C GLY A 56 -0.69 13.44 6.94
N ALA A 57 -1.06 12.18 6.95
CA ALA A 57 -1.51 11.49 8.19
C ALA A 57 -0.41 10.77 8.96
N HIS A 58 -0.57 10.66 10.21
CA HIS A 58 0.35 9.87 10.97
C HIS A 58 -0.41 8.98 12.02
N ASN A 59 -1.07 9.65 13.01
CA ASN A 59 -1.90 9.12 14.15
C ASN A 59 -3.34 9.46 13.77
N LEU A 60 -3.94 8.48 13.13
CA LEU A 60 -5.25 8.62 12.61
C LEU A 60 -6.23 8.81 13.75
N SER A 61 -5.90 8.34 14.91
CA SER A 61 -6.97 8.55 15.85
C SER A 61 -6.92 10.02 16.29
N ARG A 62 -5.88 10.75 15.93
CA ARG A 62 -5.73 12.15 16.41
C ARG A 62 -6.30 13.10 15.37
N ARG A 63 -6.31 14.39 15.72
CA ARG A 63 -6.55 15.51 14.79
C ARG A 63 -5.22 16.22 14.37
N GLU A 64 -4.93 16.11 13.10
CA GLU A 64 -3.68 16.71 12.67
C GLU A 64 -3.97 17.73 11.56
N PRO A 65 -3.63 19.04 11.86
CA PRO A 65 -3.59 20.18 10.88
C PRO A 65 -2.86 19.92 9.56
N THR A 66 -1.83 19.06 9.70
CA THR A 66 -0.90 18.47 8.73
C THR A 66 -1.62 17.93 7.52
N ARG A 67 -2.88 17.44 7.78
CA ARG A 67 -3.67 16.57 6.81
C ARG A 67 -4.38 17.36 5.70
N GLN A 68 -4.44 16.71 4.56
CA GLN A 68 -5.09 17.24 3.34
C GLN A 68 -6.00 16.12 2.80
N VAL A 69 -7.29 16.47 2.64
CA VAL A 69 -8.37 15.58 2.32
C VAL A 69 -8.92 15.71 0.91
N PHE A 70 -8.85 14.68 0.09
CA PHE A 70 -9.42 14.90 -1.23
C PHE A 70 -10.56 13.93 -1.52
N ALA A 71 -11.05 13.92 -2.70
CA ALA A 71 -12.08 12.94 -3.08
C ALA A 71 -11.60 12.48 -4.46
N VAL A 72 -12.04 11.34 -4.85
CA VAL A 72 -11.51 10.71 -6.06
C VAL A 72 -12.45 11.27 -7.09
N GLN A 73 -11.86 11.81 -8.12
CA GLN A 73 -12.57 12.20 -9.30
C GLN A 73 -12.79 11.06 -10.31
N ARG A 74 -11.92 10.14 -10.39
CA ARG A 74 -11.90 9.10 -11.49
C ARG A 74 -10.95 7.95 -11.02
N ILE A 75 -11.05 6.75 -11.59
CA ILE A 75 -10.27 5.53 -11.33
C ILE A 75 -9.81 5.03 -12.70
N PHE A 76 -8.61 4.52 -12.69
CA PHE A 76 -7.97 3.90 -13.85
C PHE A 76 -7.50 2.49 -13.40
N GLU A 77 -8.05 1.49 -14.00
CA GLU A 77 -7.74 0.11 -13.68
C GLU A 77 -7.05 -0.42 -14.90
N ASN A 78 -6.33 -1.44 -14.64
CA ASN A 78 -5.50 -2.14 -15.63
C ASN A 78 -5.72 -3.67 -15.53
N GLY A 79 -6.98 -4.03 -15.62
CA GLY A 79 -7.39 -5.42 -15.76
C GLY A 79 -7.13 -6.20 -14.46
N TYR A 80 -7.71 -5.75 -13.34
CA TYR A 80 -7.76 -6.55 -12.10
C TYR A 80 -8.46 -7.84 -12.45
N ASP A 81 -7.94 -8.86 -11.92
CA ASP A 81 -8.52 -10.20 -11.93
C ASP A 81 -8.78 -10.66 -10.49
N PRO A 82 -9.98 -10.47 -10.03
CA PRO A 82 -10.30 -10.74 -8.61
C PRO A 82 -10.25 -12.18 -8.19
N VAL A 83 -10.35 -13.02 -9.18
CA VAL A 83 -10.37 -14.46 -8.82
C VAL A 83 -8.96 -15.10 -8.83
N ASN A 84 -8.06 -14.58 -9.61
CA ASN A 84 -6.69 -14.94 -9.42
C ASN A 84 -5.88 -13.93 -8.62
N LEU A 85 -6.48 -12.75 -8.29
CA LEU A 85 -5.79 -11.62 -7.63
C LEU A 85 -4.61 -11.17 -8.51
N LEU A 86 -4.96 -10.91 -9.80
CA LEU A 86 -3.91 -10.53 -10.77
C LEU A 86 -4.14 -9.07 -11.01
N ASN A 87 -3.09 -8.30 -11.25
CA ASN A 87 -3.15 -6.86 -11.51
C ASN A 87 -3.96 -6.10 -10.46
N ASP A 88 -3.62 -6.30 -9.19
CA ASP A 88 -4.31 -5.63 -8.10
C ASP A 88 -3.73 -4.24 -7.85
N ILE A 89 -3.90 -3.41 -8.84
CA ILE A 89 -3.50 -1.98 -8.96
C ILE A 89 -4.69 -1.15 -9.39
N VAL A 90 -4.76 0.00 -8.74
CA VAL A 90 -5.52 1.09 -9.35
C VAL A 90 -4.82 2.42 -9.21
N ILE A 91 -5.20 3.33 -10.07
CA ILE A 91 -4.93 4.78 -9.87
C ILE A 91 -6.18 5.65 -9.68
N LEU A 92 -6.08 6.61 -8.80
CA LEU A 92 -7.23 7.42 -8.26
C LEU A 92 -6.99 8.93 -8.43
N GLN A 93 -7.62 9.54 -9.37
CA GLN A 93 -7.27 10.85 -9.66
C GLN A 93 -8.10 11.76 -8.73
N LEU A 94 -7.44 12.68 -8.10
CA LEU A 94 -8.03 13.40 -6.98
C LEU A 94 -8.63 14.68 -7.56
N ASN A 95 -9.59 15.22 -6.78
CA ASN A 95 -10.47 16.34 -7.19
C ASN A 95 -9.67 17.62 -7.06
N GLY A 96 -8.57 17.38 -6.46
CA GLY A 96 -7.49 18.36 -6.54
C GLY A 96 -6.03 17.87 -6.75
N SER A 97 -5.15 18.80 -6.38
CA SER A 97 -3.79 18.59 -6.40
C SER A 97 -3.18 19.08 -5.09
N ALA A 98 -2.42 18.18 -4.43
CA ALA A 98 -2.07 18.50 -3.07
C ALA A 98 -0.96 19.54 -3.02
N THR A 99 -0.62 20.05 -1.89
CA THR A 99 0.48 20.98 -1.66
C THR A 99 1.68 20.26 -1.14
N ILE A 100 2.62 20.06 -2.06
CA ILE A 100 3.78 19.33 -1.69
C ILE A 100 4.55 20.10 -0.63
N ASN A 101 4.94 19.37 0.44
CA ASN A 101 5.52 20.03 1.61
C ASN A 101 6.21 18.98 2.47
N ALA A 102 6.57 19.21 3.71
CA ALA A 102 7.41 18.18 4.37
C ALA A 102 6.74 16.84 4.75
N ASN A 103 5.44 16.92 4.79
CA ASN A 103 4.60 15.91 5.41
C ASN A 103 3.77 15.44 4.25
N VAL A 104 4.02 15.94 3.03
CA VAL A 104 3.30 15.33 1.89
C VAL A 104 4.22 15.36 0.68
N GLN A 105 4.87 14.30 0.31
CA GLN A 105 5.70 14.34 -0.92
C GLN A 105 5.44 13.15 -1.86
N VAL A 106 5.88 13.30 -3.08
CA VAL A 106 5.50 12.34 -4.12
C VAL A 106 6.50 11.14 -4.18
N ALA A 107 6.02 9.89 -4.12
CA ALA A 107 6.99 8.72 -4.13
C ALA A 107 7.77 8.58 -5.48
N GLN A 108 8.94 7.90 -5.53
CA GLN A 108 9.57 7.56 -6.82
C GLN A 108 9.20 6.12 -7.12
N LEU A 109 8.80 5.91 -8.32
CA LEU A 109 8.66 4.56 -8.81
C LEU A 109 9.99 4.00 -9.42
N PRO A 110 10.06 2.66 -9.73
CA PRO A 110 11.32 2.14 -10.30
C PRO A 110 11.19 2.22 -11.81
N ALA A 111 11.97 1.49 -12.55
CA ALA A 111 11.88 1.62 -14.00
C ALA A 111 11.06 0.44 -14.43
N GLN A 112 10.57 0.54 -15.62
CA GLN A 112 9.67 -0.48 -16.17
C GLN A 112 10.35 -1.86 -16.15
N GLY A 113 9.82 -2.82 -15.42
CA GLY A 113 10.25 -4.21 -15.46
C GLY A 113 11.57 -4.47 -14.71
N ARG A 114 11.91 -3.55 -13.82
CA ARG A 114 12.91 -3.88 -12.84
C ARG A 114 12.42 -5.08 -12.01
N ARG A 115 13.13 -6.20 -12.07
CA ARG A 115 12.79 -7.35 -11.24
C ARG A 115 13.68 -7.42 -10.01
N LEU A 116 13.01 -7.68 -8.91
CA LEU A 116 13.64 -7.67 -7.54
C LEU A 116 14.29 -9.00 -7.19
N GLY A 117 15.56 -8.88 -6.92
CA GLY A 117 16.22 -10.15 -6.58
C GLY A 117 15.78 -10.64 -5.21
N ASN A 118 15.83 -12.01 -5.09
CA ASN A 118 15.76 -12.64 -3.73
C ASN A 118 16.84 -12.15 -2.72
N GLY A 119 16.37 -11.75 -1.54
CA GLY A 119 17.28 -11.25 -0.54
C GLY A 119 17.10 -9.77 -0.21
N VAL A 120 16.43 -9.04 -1.09
CA VAL A 120 16.29 -7.58 -1.02
C VAL A 120 15.45 -7.13 0.15
N GLN A 121 16.07 -6.29 0.95
CA GLN A 121 15.65 -5.79 2.26
C GLN A 121 14.67 -4.67 1.96
N CYS A 122 13.44 -4.68 2.40
CA CYS A 122 12.52 -3.57 2.09
C CYS A 122 11.72 -3.20 3.31
N LEU A 123 10.86 -2.24 3.14
CA LEU A 123 10.08 -1.68 4.29
C LEU A 123 8.59 -1.71 3.93
N ALA A 124 7.79 -2.34 4.75
CA ALA A 124 6.41 -2.52 4.44
C ALA A 124 5.83 -1.63 5.48
N MET A 125 4.68 -1.08 5.21
CA MET A 125 4.08 0.01 6.08
C MET A 125 2.58 0.19 5.87
N GLY A 126 1.86 0.53 6.93
CA GLY A 126 0.38 0.48 6.89
C GLY A 126 -0.33 0.77 8.22
N TRP A 127 -1.63 1.03 8.12
CA TRP A 127 -2.46 1.28 9.27
C TRP A 127 -3.46 0.16 9.42
N GLY A 128 -3.14 -0.99 8.90
CA GLY A 128 -3.95 -2.23 8.95
C GLY A 128 -3.85 -2.97 10.28
N LEU A 129 -4.50 -4.10 10.34
CA LEU A 129 -4.73 -4.67 11.66
C LEU A 129 -3.38 -5.03 12.30
N LEU A 130 -3.21 -4.76 13.59
CA LEU A 130 -1.94 -5.01 14.26
C LEU A 130 -1.86 -6.48 14.69
N GLY A 131 -2.91 -7.23 14.53
CA GLY A 131 -2.67 -8.63 14.84
C GLY A 131 -3.98 -9.29 15.18
N ARG A 132 -3.99 -10.60 15.28
CA ARG A 132 -5.23 -11.40 15.31
C ARG A 132 -6.25 -11.00 16.38
N ASN A 133 -5.99 -9.94 17.12
CA ASN A 133 -6.95 -9.40 18.08
C ASN A 133 -6.86 -7.90 18.29
N ARG A 134 -5.74 -7.31 17.89
CA ARG A 134 -5.45 -5.91 18.41
C ARG A 134 -6.00 -4.69 17.65
N GLY A 135 -6.75 -4.97 16.67
CA GLY A 135 -7.40 -3.90 15.94
C GLY A 135 -6.50 -3.42 14.81
N ILE A 136 -7.06 -2.42 14.17
CA ILE A 136 -6.33 -1.53 13.27
C ILE A 136 -5.47 -0.47 14.02
N ALA A 137 -4.37 0.04 13.32
CA ALA A 137 -3.29 0.92 13.90
C ALA A 137 -3.86 2.30 14.08
N SER A 138 -3.33 2.97 15.06
CA SER A 138 -3.75 4.41 15.09
C SER A 138 -2.60 5.15 14.38
N VAL A 139 -1.42 4.77 14.93
CA VAL A 139 -0.08 5.14 14.48
C VAL A 139 0.51 4.16 13.39
N LEU A 140 0.82 4.74 12.19
CA LEU A 140 1.44 4.11 11.02
C LEU A 140 2.54 3.22 11.55
N GLN A 141 2.42 1.99 11.09
CA GLN A 141 3.45 1.00 11.41
C GLN A 141 4.33 0.74 10.18
N GLU A 142 5.57 0.37 10.41
CA GLU A 142 6.64 0.00 9.38
C GLU A 142 7.42 -1.27 9.78
N LEU A 143 7.72 -2.04 8.76
CA LEU A 143 8.19 -3.39 9.05
C LEU A 143 9.32 -3.76 8.13
N ASN A 144 10.38 -4.24 8.66
CA ASN A 144 11.49 -4.65 7.81
C ASN A 144 11.23 -6.01 7.15
N VAL A 145 11.25 -6.20 5.86
CA VAL A 145 10.91 -7.46 5.26
C VAL A 145 11.90 -7.78 4.13
N THR A 146 11.84 -9.04 3.70
CA THR A 146 12.73 -9.53 2.62
C THR A 146 11.91 -10.08 1.46
N VAL A 147 12.38 -9.88 0.19
CA VAL A 147 11.91 -10.49 -1.10
C VAL A 147 12.30 -11.98 -1.20
N VAL A 148 11.30 -12.77 -1.49
CA VAL A 148 11.42 -14.15 -1.51
C VAL A 148 10.72 -14.61 -2.76
N THR A 149 11.36 -15.44 -3.52
CA THR A 149 10.74 -15.91 -4.73
C THR A 149 10.09 -17.25 -4.53
N SER A 150 10.34 -17.89 -3.40
CA SER A 150 9.72 -19.19 -3.15
C SER A 150 8.29 -18.86 -2.82
N LEU A 151 7.42 -19.82 -2.92
CA LEU A 151 6.04 -19.74 -2.39
C LEU A 151 5.36 -18.50 -2.99
N CYS A 152 5.81 -18.13 -4.18
CA CYS A 152 5.37 -16.87 -4.78
C CYS A 152 5.01 -17.13 -6.23
N ARG A 153 4.21 -16.30 -6.87
CA ARG A 153 4.32 -16.27 -8.33
C ARG A 153 5.10 -15.09 -8.94
N ARG A 154 5.30 -15.18 -10.21
CA ARG A 154 6.11 -14.20 -10.88
C ARG A 154 5.25 -12.97 -11.18
N SER A 155 4.09 -13.04 -10.76
CA SER A 155 3.34 -11.85 -11.09
C SER A 155 3.01 -11.23 -9.78
N ASN A 156 3.82 -11.53 -8.81
CA ASN A 156 3.82 -10.72 -7.59
C ASN A 156 5.25 -10.42 -7.13
N VAL A 157 5.35 -9.53 -6.19
CA VAL A 157 6.62 -9.38 -5.42
C VAL A 157 6.29 -9.91 -4.05
N CYS A 158 7.11 -10.79 -3.42
CA CYS A 158 6.65 -11.41 -2.16
C CYS A 158 7.69 -11.18 -1.09
N THR A 159 7.22 -10.92 0.06
CA THR A 159 8.07 -10.58 1.24
C THR A 159 7.92 -11.57 2.41
N LEU A 160 8.84 -11.63 3.31
CA LEU A 160 8.69 -12.64 4.39
C LEU A 160 9.62 -12.18 5.49
N VAL A 161 9.21 -12.36 6.71
CA VAL A 161 10.01 -11.86 7.81
C VAL A 161 10.48 -13.11 8.48
N ARG A 162 11.77 -13.18 8.38
CA ARG A 162 12.21 -14.53 8.72
C ARG A 162 12.35 -14.65 10.25
N GLY A 163 11.99 -15.82 10.77
CA GLY A 163 12.28 -16.20 12.17
C GLY A 163 11.36 -15.60 13.21
N ARG A 164 10.36 -14.85 12.74
CA ARG A 164 9.26 -14.31 13.59
C ARG A 164 8.00 -14.45 12.77
N GLN A 165 6.90 -14.22 13.44
CA GLN A 165 5.64 -14.20 12.67
C GLN A 165 5.24 -12.73 12.59
N ALA A 166 5.46 -12.16 11.48
CA ALA A 166 5.22 -10.73 11.29
C ALA A 166 4.86 -10.47 9.81
N GLY A 167 4.04 -9.44 9.48
CA GLY A 167 3.73 -9.16 8.09
C GLY A 167 2.48 -8.32 8.02
N VAL A 168 2.04 -8.10 6.84
CA VAL A 168 0.93 -7.25 6.51
C VAL A 168 -0.44 -7.88 6.85
N CYS A 169 -1.48 -7.06 7.08
CA CYS A 169 -2.79 -7.60 7.53
C CYS A 169 -3.85 -6.82 6.85
N PHE A 170 -5.02 -6.99 7.31
CA PHE A 170 -6.21 -6.40 6.71
C PHE A 170 -6.13 -4.89 6.94
N GLY A 171 -6.14 -4.19 5.80
CA GLY A 171 -6.15 -2.79 5.77
C GLY A 171 -4.80 -2.22 5.41
N ASP A 172 -3.85 -3.11 5.34
CA ASP A 172 -2.63 -2.74 4.80
C ASP A 172 -2.71 -2.80 3.31
N SER A 173 -3.81 -3.26 2.73
CA SER A 173 -3.79 -3.29 1.25
C SER A 173 -3.56 -1.90 0.60
N GLY A 174 -2.89 -1.76 -0.55
CA GLY A 174 -2.82 -0.54 -1.23
C GLY A 174 -1.53 0.14 -0.77
N SER A 175 -1.01 -0.35 0.31
CA SER A 175 0.06 0.33 0.99
C SER A 175 1.35 0.02 0.25
N PRO A 176 2.31 0.91 0.26
CA PRO A 176 3.60 0.72 -0.48
C PRO A 176 4.51 -0.34 0.19
N LEU A 177 5.30 -0.89 -0.69
CA LEU A 177 6.51 -1.67 -0.36
C LEU A 177 7.65 -0.89 -1.00
N VAL A 178 8.42 -0.34 -0.09
CA VAL A 178 9.48 0.53 -0.50
C VAL A 178 10.78 -0.22 -0.26
N CYS A 179 11.36 -0.45 -1.41
CA CYS A 179 12.67 -1.10 -1.50
C CYS A 179 13.76 -0.17 -2.08
N ASN A 180 14.82 0.01 -1.37
CA ASN A 180 15.89 0.86 -1.94
C ASN A 180 15.35 2.24 -2.41
N GLY A 181 14.38 2.77 -1.71
CA GLY A 181 14.06 4.16 -1.95
C GLY A 181 12.99 4.10 -3.02
N LEU A 182 12.78 2.96 -3.57
CA LEU A 182 11.80 3.01 -4.66
C LEU A 182 10.55 2.11 -4.44
N ILE A 183 9.37 2.53 -4.91
CA ILE A 183 8.12 1.81 -4.64
C ILE A 183 7.89 0.60 -5.53
N HIS A 184 8.22 -0.55 -4.94
CA HIS A 184 8.23 -1.87 -5.65
C HIS A 184 6.94 -2.73 -5.49
N GLY A 185 6.22 -2.43 -4.42
CA GLY A 185 5.06 -3.24 -4.40
C GLY A 185 3.91 -2.38 -3.92
N ILE A 186 2.77 -2.96 -4.08
CA ILE A 186 1.60 -2.58 -3.38
C ILE A 186 1.14 -3.88 -2.73
N ALA A 187 1.02 -3.84 -1.45
CA ALA A 187 0.20 -4.73 -0.55
C ALA A 187 -1.17 -5.22 -1.09
N SER A 188 -1.22 -6.49 -1.62
CA SER A 188 -2.34 -7.16 -2.28
C SER A 188 -2.94 -8.18 -1.30
N PHE A 189 -2.20 -9.23 -1.00
CA PHE A 189 -2.77 -10.39 -0.31
C PHE A 189 -1.78 -11.22 0.55
N VAL A 190 -2.38 -11.89 1.52
CA VAL A 190 -1.79 -12.82 2.48
C VAL A 190 -2.31 -14.25 2.30
N ARG A 191 -1.46 -15.21 2.63
CA ARG A 191 -1.90 -16.63 2.71
C ARG A 191 -1.82 -17.22 4.11
N GLY A 192 -2.86 -17.94 4.55
CA GLY A 192 -2.80 -18.60 5.88
C GLY A 192 -3.25 -17.65 7.00
N GLY A 193 -3.92 -16.59 6.62
CA GLY A 193 -4.07 -15.52 7.60
C GLY A 193 -2.88 -14.56 7.47
N CYS A 194 -2.81 -13.60 8.40
CA CYS A 194 -1.70 -12.68 8.44
C CYS A 194 -0.60 -13.26 9.31
N ALA A 195 0.62 -13.08 8.96
CA ALA A 195 1.71 -13.31 9.89
C ALA A 195 1.93 -14.77 10.16
N SER A 196 1.72 -15.56 9.13
CA SER A 196 1.66 -17.08 9.20
C SER A 196 3.02 -17.61 9.52
N GLY A 197 3.99 -16.84 9.18
CA GLY A 197 5.26 -17.41 9.35
C GLY A 197 5.51 -18.42 8.22
N LEU A 198 4.53 -18.92 7.48
CA LEU A 198 4.90 -19.92 6.44
C LEU A 198 4.86 -19.25 5.06
N TYR A 199 3.80 -18.54 4.72
CA TYR A 199 3.64 -18.18 3.37
C TYR A 199 4.07 -16.76 3.18
N PRO A 200 4.81 -16.41 2.19
CA PRO A 200 5.12 -14.98 1.99
C PRO A 200 3.87 -14.08 1.76
N ASP A 201 3.95 -12.75 1.98
CA ASP A 201 2.85 -11.92 1.54
C ASP A 201 3.09 -11.46 0.13
N ALA A 202 2.02 -11.07 -0.58
CA ALA A 202 2.10 -10.79 -2.00
C ALA A 202 1.64 -9.38 -2.31
N PHE A 203 2.39 -8.78 -3.14
CA PHE A 203 2.32 -7.35 -3.46
C PHE A 203 2.17 -7.29 -4.99
N ALA A 204 1.38 -6.34 -5.52
CA ALA A 204 1.34 -6.06 -6.97
C ALA A 204 2.72 -5.48 -7.34
N PRO A 205 3.31 -6.07 -8.36
CA PRO A 205 4.69 -5.67 -8.76
C PRO A 205 4.75 -4.33 -9.55
N VAL A 206 4.84 -3.24 -8.82
CA VAL A 206 4.79 -1.90 -9.47
C VAL A 206 5.73 -1.71 -10.69
N ALA A 207 6.89 -2.30 -10.69
CA ALA A 207 7.77 -2.04 -11.78
C ALA A 207 7.27 -2.70 -13.05
N GLN A 208 6.32 -3.61 -12.90
CA GLN A 208 5.75 -4.17 -14.10
C GLN A 208 4.65 -3.27 -14.64
N PHE A 209 4.34 -2.16 -13.97
CA PHE A 209 3.20 -1.31 -14.42
C PHE A 209 3.59 0.06 -14.92
N VAL A 210 4.81 0.32 -14.66
CA VAL A 210 5.31 1.70 -14.57
C VAL A 210 4.97 2.45 -15.83
N ASN A 211 5.13 1.82 -16.96
CA ASN A 211 4.91 2.58 -18.20
C ASN A 211 3.45 3.09 -18.35
N TRP A 212 2.50 2.23 -17.79
CA TRP A 212 1.06 2.50 -17.57
C TRP A 212 0.76 3.62 -16.58
N ILE A 213 1.32 3.51 -15.42
CA ILE A 213 1.23 4.63 -14.53
C ILE A 213 1.84 5.84 -15.23
N ASP A 214 2.85 5.65 -16.01
CA ASP A 214 3.44 6.87 -16.58
C ASP A 214 2.53 7.56 -17.61
N SER A 215 1.89 6.76 -18.44
CA SER A 215 1.06 7.39 -19.42
C SER A 215 -0.18 7.99 -18.77
N ILE A 216 -0.33 7.82 -17.48
CA ILE A 216 -1.49 8.38 -16.86
C ILE A 216 -1.16 9.54 -15.97
N ILE A 217 -0.07 9.49 -15.26
CA ILE A 217 0.42 10.79 -14.63
C ILE A 217 1.37 11.73 -15.46
N GLN A 218 1.86 11.21 -16.64
CA GLN A 218 2.82 11.69 -17.73
C GLN A 218 4.29 11.36 -17.41
CA HMB B 1 -5.91 -19.31 2.09
CB HMB B 1 -5.25 -19.51 3.51
CG HMB B 1 -6.15 -19.24 4.77
CE HMB B 1 -7.97 -18.21 5.92
C HMB B 1 -5.44 -18.00 1.48
OD1 HMB B 1 -5.79 -19.67 5.88
OD2 HMB B 1 -7.18 -18.53 4.76
O HMB B 1 -4.88 -17.23 2.30
N ALA B 2 -5.72 -17.70 0.16
CA ALA B 2 -5.37 -16.30 -0.26
C ALA B 2 -6.42 -15.25 0.14
N ALA B 3 -6.18 -14.45 1.19
CA ALA B 3 -7.14 -13.41 1.43
C ALA B 3 -6.57 -12.05 0.99
N PRO B 4 -7.26 -11.36 0.17
CA PRO B 4 -6.90 -9.97 -0.24
C PRO B 4 -6.91 -9.01 0.94
C VAI B 5 -5.94 -5.86 2.13
N VAI B 5 -5.88 -8.22 1.19
O VAI B 5 -6.45 -5.15 3.29
CA VAI B 5 -5.93 -7.37 2.40
CB VAI B 5 -4.69 -7.71 3.27
CG1 VAI B 5 -4.68 -9.22 3.64
CG2 VAI B 5 -3.40 -7.29 2.52
C1 0QE B 6 -6.88 -5.54 0.99
C1 NAG C . 15.32 -1.91 8.40
C2 NAG C . 16.84 -2.16 8.42
C3 NAG C . 17.73 -0.89 8.30
C4 NAG C . 17.15 0.14 7.28
C5 NAG C . 15.61 0.30 7.40
C6 NAG C . 15.07 1.06 6.25
C7 NAG C . 17.44 -4.43 9.04
C8 NAG C . 17.53 -5.31 10.26
N2 NAG C . 17.33 -3.11 9.41
O3 NAG C . 19.08 -1.25 7.95
O4 NAG C . 17.74 1.35 7.75
O5 NAG C . 15.02 -0.99 7.34
O6 NAG C . 15.39 0.27 5.15
O7 NAG C . 17.07 -5.00 7.98
C1 NAG C . 18.92 1.86 7.14
C2 NAG C . 18.79 3.38 6.97
C3 NAG C . 20.09 4.01 6.48
C4 NAG C . 21.33 3.55 7.26
C5 NAG C . 21.29 2.02 7.44
C6 NAG C . 22.42 1.41 8.28
C7 NAG C . 16.70 4.26 6.43
C8 NAG C . 15.73 4.72 5.36
N2 NAG C . 17.77 3.70 6.00
O3 NAG C . 20.01 5.43 6.49
O4 NAG C . 22.43 3.87 6.40
O5 NAG C . 20.03 1.59 7.97
O6 NAG C . 22.38 -0.03 8.17
O7 NAG C . 16.52 4.54 7.62
C1 BMA C . 23.69 4.34 6.84
C2 BMA C . 24.65 4.05 5.62
C3 BMA C . 26.04 4.64 5.85
C4 BMA C . 25.91 6.15 6.06
C5 BMA C . 24.91 6.48 7.19
C6 BMA C . 24.61 7.98 7.26
O2 BMA C . 24.05 4.61 4.44
O3 BMA C . 26.82 4.38 4.69
O4 BMA C . 27.19 6.75 6.31
O5 BMA C . 23.68 5.77 6.98
O6 BMA C . 23.50 8.12 8.14
C1 MAN C . 22.88 9.39 8.35
C2 MAN C . 21.62 9.10 9.15
C3 MAN C . 20.71 8.17 8.34
C4 MAN C . 20.29 8.93 7.08
C5 MAN C . 21.53 9.27 6.24
C6 MAN C . 21.19 10.21 5.08
O2 MAN C . 20.93 10.34 9.33
O3 MAN C . 19.59 7.76 9.12
O4 MAN C . 19.35 8.18 6.31
O5 MAN C . 22.50 9.94 7.09
O6 MAN C . 20.63 11.42 5.63
C1 NAG C . 21.38 11.20 10.37
C2 NAG C . 20.75 12.60 10.21
C3 NAG C . 21.03 13.45 11.46
C4 NAG C . 20.62 12.70 12.75
C5 NAG C . 21.25 11.31 12.82
C6 NAG C . 20.68 10.50 14.00
C7 NAG C . 20.55 13.62 8.01
C8 NAG C . 21.26 14.40 6.91
N2 NAG C . 21.30 13.28 9.03
O3 NAG C . 20.33 14.69 11.37
O4 NAG C . 21.04 13.46 13.88
O5 NAG C . 20.96 10.62 11.60
O6 NAG C . 19.25 10.48 13.90
O7 NAG C . 19.35 13.39 7.91
C1 GAL C . 20.06 13.96 14.80
C2 GAL C . 20.78 14.84 15.83
C3 GAL C . 19.76 15.60 16.70
C4 GAL C . 18.81 16.40 15.81
C5 GAL C . 18.13 15.49 14.78
C6 GAL C . 17.30 16.31 13.77
O2 GAL C . 21.64 14.03 16.65
O3 GAL C . 20.45 16.47 17.61
O4 GAL C . 19.53 17.43 15.13
O5 GAL C . 19.14 14.78 14.06
O6 GAL C . 16.36 17.12 14.49
C1 MAN C . 27.97 3.54 4.77
C2 MAN C . 28.53 3.33 3.36
C3 MAN C . 27.51 2.56 2.49
C4 MAN C . 27.18 1.22 3.16
C5 MAN C . 26.68 1.42 4.60
C6 MAN C . 26.56 0.07 5.34
O2 MAN C . 29.72 2.54 3.45
O3 MAN C . 28.04 2.34 1.18
O4 MAN C . 26.19 0.52 2.39
O5 MAN C . 27.60 2.25 5.30
O6 MAN C . 27.81 -0.60 5.29
C1 FUC C . 15.95 1.02 4.08
C2 FUC C . 16.14 0.15 2.89
C3 FUC C . 14.84 -0.36 2.28
C4 FUC C . 13.94 0.88 1.98
C5 FUC C . 13.82 1.76 3.24
C6 FUC C . 13.13 3.10 3.01
O2 FUC C . 16.98 -0.89 3.30
O3 FUC C . 15.22 -1.01 1.02
O4 FUC C . 14.51 1.66 0.92
O5 FUC C . 15.13 2.07 3.66
C1 NAG D . -12.08 18.07 -2.90
C2 NAG D . -12.38 19.59 -2.82
C3 NAG D . -12.39 20.20 -1.38
C4 NAG D . -12.87 19.21 -0.23
C5 NAG D . -12.41 17.77 -0.53
C6 NAG D . -12.86 16.72 0.45
C7 NAG D . -11.76 20.73 -4.83
C8 NAG D . -13.28 20.58 -5.05
N2 NAG D . -11.35 20.26 -3.65
O3 NAG D . -13.03 21.53 -1.31
O4 NAG D . -12.41 19.72 1.07
O5 NAG D . -12.84 17.43 -1.86
O6 NAG D . -14.26 16.56 0.31
O7 NAG D . -11.00 21.23 -5.69
C1 NAG D . -11.99 18.93 2.17
C2 NAG D . -10.96 19.52 3.15
C3 NAG D . -10.87 18.60 4.40
C4 NAG D . -12.23 18.14 4.96
C5 NAG D . -13.12 17.63 3.83
C6 NAG D . -14.57 17.55 4.22
C7 NAG D . -8.87 20.54 2.42
C8 NAG D . -9.46 21.83 2.95
N2 NAG D . -9.64 19.48 2.51
O3 NAG D . -10.09 19.18 5.46
O4 NAG D . -12.00 17.04 5.87
O5 NAG D . -13.17 18.65 2.86
O6 NAG D . -15.19 18.72 3.67
O7 NAG D . -7.76 20.53 1.88
C1 BMA D . -12.40 17.10 7.24
C2 BMA D . -11.52 16.11 8.07
C3 BMA D . -11.63 16.36 9.59
C4 BMA D . -11.37 17.84 9.86
C5 BMA D . -12.47 18.59 9.13
C6 BMA D . -12.68 20.04 9.59
O2 BMA D . -10.16 16.28 7.67
O3 BMA D . -10.64 15.62 10.32
O4 BMA D . -11.34 18.11 11.27
O5 BMA D . -12.25 18.43 7.73
O6 BMA D . -13.57 19.92 10.70
C1 BMA D . -13.53 20.69 11.90
C2 BMA D . -12.36 20.46 12.88
C3 BMA D . -12.72 21.05 14.25
C4 BMA D . -13.32 22.47 14.13
C5 BMA D . -14.40 22.66 13.03
C6 BMA D . -14.64 24.15 12.77
O2 BMA D . -11.06 20.89 12.44
O3 BMA D . -11.52 21.11 15.05
O4 BMA D . -13.75 22.94 15.40
O5 BMA D . -13.96 22.05 11.81
O6 BMA D . -13.40 24.77 12.39
C1 NDG D . -10.81 22.04 11.62
C2 NDG D . -9.35 21.93 11.09
C3 NDG D . -8.39 22.62 12.06
C4 NDG D . -8.81 24.04 12.49
C5 NDG D . -10.05 23.72 13.30
C6 NDG D . -10.55 24.83 14.22
C7 NDG D . -7.96 19.86 10.66
C8 NDG D . -7.06 20.66 9.73
O5 NDG D . -11.02 23.25 12.36
O3 NDG D . -8.51 21.81 13.24
O4 NDG D . -7.85 24.60 13.40
O6 NDG D . -11.07 24.23 15.42
O7 NDG D . -7.66 18.69 10.94
N2 NDG D . -9.01 20.49 11.19
C1 GLC D . -6.86 25.59 13.03
C2 GLC D . -5.68 25.53 14.04
C3 GLC D . -4.89 26.83 14.09
C4 GLC D . -5.78 27.99 14.55
C5 GLC D . -7.27 27.77 14.20
C6 GLC D . -7.99 29.10 13.98
O2 GLC D . -6.14 25.19 15.37
O3 GLC D . -3.76 26.70 14.97
O4 GLC D . -5.66 28.18 15.97
O5 GLC D . -7.42 26.91 13.05
O6 GLC D . -7.81 29.93 15.14
C1 MAN D . -11.02 14.66 11.32
C2 MAN D . -12.15 15.17 12.22
C3 MAN D . -11.76 15.13 13.70
C4 MAN D . -11.22 13.74 14.05
C5 MAN D . -9.96 13.40 13.22
C6 MAN D . -9.96 11.91 12.81
O2 MAN D . -13.27 14.30 12.02
O3 MAN D . -12.92 15.41 14.51
O4 MAN D . -10.92 13.64 15.45
O5 MAN D . -9.87 14.28 12.10
O6 MAN D . -11.21 11.55 12.22
C1 FUC D . -14.89 15.66 1.27
C2 FUC D . -16.42 15.86 1.35
C3 FUC D . -17.08 15.56 -0.02
C4 FUC D . -16.84 14.03 -0.21
C5 FUC D . -15.33 13.69 -0.21
C6 FUC D . -15.14 12.18 -0.26
O2 FUC D . -16.84 17.08 2.00
O3 FUC D . -18.52 15.88 -0.04
O4 FUC D . -17.52 13.31 0.86
O5 FUC D . -14.66 14.26 0.94
#